data_4TRJ
#
_entry.id   4TRJ
#
_cell.length_a   97.551
_cell.length_b   97.551
_cell.length_c   140.346
_cell.angle_alpha   90.00
_cell.angle_beta   90.00
_cell.angle_gamma   120.00
#
_symmetry.space_group_name_H-M   'P 62 2 2'
#
loop_
_entity.id
_entity.type
_entity.pdbx_description
1 polymer 'Enoyl-[acyl-carrier-protein] reductase [NADH]'
2 non-polymer NICOTINAMIDE-ADENINE-DINUCLEOTIDE
3 non-polymer (3S)-N-(3-BROMOPHENYL)-1-CYCLOHEXYL-5-OXOPYRROLIDINE-3-CARBOXAMIDE
4 water water
#
_entity_poly.entity_id   1
_entity_poly.type   'polypeptide(L)'
_entity_poly.pdbx_seq_one_letter_code
;MTGLLDGKRILVSGIITDSSIAFHIARVAQEQGAQLVLTGFDRLRLIQRITDRLPAKAPLLELDVQNEEHLASLAGRVTE
AIGAGNKLDGVVHSIGFMPQTGMGINPFFDAPYADVSKGIHISAYSYASMAKALLPIMNPGGSIVGMDFDPSRAMPAYNW
MTVAKSALESVNRFVAREAGKYGVRSNLVAAGPIRTLAMSAIVGGALGEEAGAQIQLLEEGWDQRAPIGWNMKDATPVAK
TVCALLSDWLPATTGDIIYADGGAHTQLL
;
_entity_poly.pdbx_strand_id   A
#
loop_
_chem_comp.id
_chem_comp.type
_chem_comp.name
_chem_comp.formula
665 non-polymer (3S)-N-(3-BROMOPHENYL)-1-CYCLOHEXYL-5-OXOPYRROLIDINE-3-CARBOXAMIDE 'C17 H21 Br N2 O2'
NAD non-polymer NICOTINAMIDE-ADENINE-DINUCLEOTIDE 'C21 H27 N7 O14 P2'
#
# COMPACT_ATOMS: atom_id res chain seq x y z
N THR A 2 11.77 4.46 -21.78
CA THR A 2 10.84 5.34 -22.54
C THR A 2 9.46 5.34 -21.91
N GLY A 3 9.23 4.37 -21.04
CA GLY A 3 8.02 4.35 -20.26
C GLY A 3 8.00 5.50 -19.27
N LEU A 4 6.90 5.56 -18.56
CA LEU A 4 6.67 6.59 -17.58
C LEU A 4 7.74 6.68 -16.49
N LEU A 5 8.35 5.54 -16.18
CA LEU A 5 9.24 5.39 -15.04
C LEU A 5 10.63 4.97 -15.52
N ASP A 6 10.97 5.34 -16.75
CA ASP A 6 12.22 4.92 -17.34
C ASP A 6 13.39 5.40 -16.51
N GLY A 7 14.29 4.48 -16.14
CA GLY A 7 15.49 4.88 -15.43
C GLY A 7 15.31 4.92 -13.93
N LYS A 8 14.09 4.72 -13.44
CA LYS A 8 13.83 4.89 -12.03
C LYS A 8 14.04 3.61 -11.28
N ARG A 9 14.61 3.72 -10.09
CA ARG A 9 14.81 2.58 -9.20
C ARG A 9 13.78 2.65 -8.07
N ILE A 10 12.93 1.64 -7.97
CA ILE A 10 11.79 1.69 -7.07
C ILE A 10 11.70 0.44 -6.21
N LEU A 11 11.55 0.66 -4.90
CA LEU A 11 11.33 -0.40 -3.93
C LEU A 11 9.84 -0.63 -3.77
N VAL A 12 9.41 -1.87 -3.97
CA VAL A 12 8.01 -2.22 -3.79
C VAL A 12 7.85 -3.28 -2.70
N SER A 13 7.16 -2.88 -1.64
CA SER A 13 6.80 -3.78 -0.56
C SER A 13 5.38 -4.32 -0.77
N GLY A 14 5.03 -5.39 -0.08
CA GLY A 14 3.64 -5.78 0.04
C GLY A 14 3.11 -6.88 -0.87
N ILE A 15 3.96 -7.53 -1.65
CA ILE A 15 3.49 -8.65 -2.46
C ILE A 15 3.43 -9.91 -1.58
N ILE A 16 2.30 -10.60 -1.65
CA ILE A 16 2.16 -11.91 -0.99
C ILE A 16 1.43 -12.90 -1.89
N THR A 17 0.54 -12.42 -2.75
CA THR A 17 -0.07 -13.28 -3.79
C THR A 17 -0.04 -12.56 -5.12
N ASP A 18 -0.49 -13.27 -6.16
CA ASP A 18 -0.57 -12.67 -7.49
C ASP A 18 -1.78 -11.70 -7.56
N SER A 19 -2.62 -11.67 -6.53
CA SER A 19 -3.75 -10.73 -6.50
C SER A 19 -3.43 -9.52 -5.62
N SER A 20 -2.27 -9.51 -4.97
CA SER A 20 -1.85 -8.35 -4.17
C SER A 20 -1.85 -7.08 -5.02
N ILE A 21 -2.34 -5.97 -4.49
CA ILE A 21 -2.24 -4.69 -5.19
C ILE A 21 -0.77 -4.40 -5.59
N ALA A 22 0.17 -4.71 -4.70
CA ALA A 22 1.58 -4.51 -4.94
C ALA A 22 2.13 -5.31 -6.12
N PHE A 23 1.56 -6.47 -6.40
CA PHE A 23 2.00 -7.25 -7.55
C PHE A 23 1.68 -6.46 -8.81
N HIS A 24 0.46 -5.92 -8.86
CA HIS A 24 0.04 -5.16 -10.02
C HIS A 24 0.80 -3.85 -10.13
N ILE A 25 1.10 -3.21 -8.99
CA ILE A 25 1.95 -2.04 -8.99
C ILE A 25 3.33 -2.40 -9.58
N ALA A 26 3.89 -3.51 -9.11
CA ALA A 26 5.21 -3.92 -9.60
C ALA A 26 5.18 -4.21 -11.11
N ARG A 27 4.16 -4.93 -11.54
CA ARG A 27 4.04 -5.28 -12.96
C ARG A 27 4.00 -4.00 -13.82
N VAL A 28 3.12 -3.06 -13.49
CA VAL A 28 2.97 -1.85 -14.26
C VAL A 28 4.26 -1.01 -14.21
N ALA A 29 4.92 -0.91 -13.05
CA ALA A 29 6.11 -0.10 -12.98
C ALA A 29 7.18 -0.67 -13.92
N GLN A 30 7.33 -1.99 -13.91
CA GLN A 30 8.28 -2.66 -14.83
C GLN A 30 7.91 -2.47 -16.31
N GLU A 31 6.63 -2.56 -16.64
CA GLU A 31 6.17 -2.23 -17.98
C GLU A 31 6.55 -0.83 -18.40
N GLN A 32 6.62 0.08 -17.43
CA GLN A 32 6.95 1.47 -17.68
C GLN A 32 8.42 1.81 -17.44
N GLY A 33 9.27 0.79 -17.36
CA GLY A 33 10.70 1.02 -17.41
C GLY A 33 11.42 1.07 -16.09
N ALA A 34 10.69 0.90 -14.99
CA ALA A 34 11.32 0.94 -13.68
C ALA A 34 12.13 -0.32 -13.40
N GLN A 35 13.20 -0.12 -12.66
CA GLN A 35 14.01 -1.18 -12.13
C GLN A 35 13.66 -1.37 -10.66
N LEU A 36 13.16 -2.56 -10.30
CA LEU A 36 12.63 -2.77 -8.96
C LEU A 36 13.52 -3.55 -8.00
N VAL A 37 13.37 -3.21 -6.73
CA VAL A 37 13.77 -4.05 -5.61
C VAL A 37 12.46 -4.39 -4.87
N LEU A 38 12.29 -5.65 -4.47
CA LEU A 38 11.07 -6.07 -3.78
C LEU A 38 11.34 -6.40 -2.34
N THR A 39 10.36 -6.18 -1.46
CA THR A 39 10.49 -6.66 -0.10
C THR A 39 9.29 -7.50 0.25
N GLY A 40 9.56 -8.50 1.06
CA GLY A 40 8.57 -9.48 1.43
C GLY A 40 8.60 -9.89 2.88
N PHE A 41 7.42 -10.25 3.38
CA PHE A 41 7.27 -10.65 4.78
C PHE A 41 7.02 -12.14 4.96
N ASP A 42 7.94 -12.76 5.69
CA ASP A 42 7.81 -14.09 6.28
C ASP A 42 7.93 -15.22 5.26
N ARG A 43 7.07 -15.20 4.24
CA ARG A 43 7.02 -16.32 3.28
C ARG A 43 7.81 -16.05 2.01
N LEU A 44 9.13 -16.04 2.13
CA LEU A 44 9.94 -15.53 1.01
C LEU A 44 9.99 -16.54 -0.13
N ARG A 45 9.87 -17.83 0.17
CA ARG A 45 9.84 -18.81 -0.93
C ARG A 45 8.62 -18.61 -1.80
N LEU A 46 7.46 -18.49 -1.16
CA LEU A 46 6.20 -18.17 -1.84
C LEU A 46 6.33 -16.89 -2.66
N ILE A 47 6.84 -15.85 -2.02
CA ILE A 47 6.89 -14.56 -2.69
C ILE A 47 7.85 -14.58 -3.90
N GLN A 48 8.97 -15.27 -3.79
CA GLN A 48 9.87 -15.39 -4.93
C GLN A 48 9.17 -16.11 -6.08
N ARG A 49 8.42 -17.15 -5.76
CA ARG A 49 7.73 -17.94 -6.78
C ARG A 49 6.64 -17.12 -7.48
N ILE A 50 5.92 -16.32 -6.71
CA ILE A 50 4.95 -15.39 -7.26
C ILE A 50 5.63 -14.34 -8.14
N THR A 51 6.70 -13.74 -7.64
CA THR A 51 7.28 -12.61 -8.35
C THR A 51 8.15 -13.05 -9.54
N ASP A 52 8.42 -14.35 -9.66
CA ASP A 52 9.02 -14.89 -10.89
C ASP A 52 8.15 -14.62 -12.11
N ARG A 53 6.85 -14.40 -11.90
CA ARG A 53 5.93 -14.11 -12.98
C ARG A 53 5.92 -12.64 -13.43
N LEU A 54 6.56 -11.75 -12.68
CA LEU A 54 6.72 -10.37 -13.13
C LEU A 54 7.50 -10.30 -14.44
N PRO A 55 7.28 -9.25 -15.25
CA PRO A 55 7.94 -9.19 -16.57
C PRO A 55 9.47 -9.15 -16.52
N ALA A 56 10.04 -8.65 -15.43
CA ALA A 56 11.49 -8.62 -15.28
C ALA A 56 11.92 -9.09 -13.90
N LYS A 57 13.20 -9.45 -13.82
CA LYS A 57 13.78 -9.92 -12.56
C LYS A 57 13.88 -8.76 -11.61
N ALA A 58 13.69 -9.07 -10.33
CA ALA A 58 13.89 -8.09 -9.28
C ALA A 58 14.32 -8.80 -8.01
N PRO A 59 15.39 -8.29 -7.36
CA PRO A 59 15.87 -8.82 -6.08
C PRO A 59 14.77 -8.75 -5.05
N LEU A 60 14.61 -9.83 -4.27
CA LEU A 60 13.69 -9.86 -3.16
C LEU A 60 14.47 -9.81 -1.85
N LEU A 61 14.09 -8.88 -0.99
CA LEU A 61 14.67 -8.68 0.33
C LEU A 61 13.63 -8.95 1.41
N GLU A 62 14.07 -9.46 2.55
CA GLU A 62 13.14 -9.76 3.63
C GLU A 62 12.93 -8.48 4.42
N LEU A 63 11.67 -8.18 4.71
CA LEU A 63 11.33 -7.05 5.58
C LEU A 63 10.03 -7.31 6.33
N ASP A 64 10.21 -7.56 7.62
CA ASP A 64 9.15 -7.56 8.62
C ASP A 64 9.20 -6.18 9.23
N VAL A 65 8.17 -5.35 9.01
CA VAL A 65 8.25 -3.98 9.50
C VAL A 65 8.16 -3.88 11.03
N GLN A 66 7.84 -4.97 11.73
CA GLN A 66 7.86 -4.99 13.19
C GLN A 66 9.25 -5.37 13.73
N ASN A 67 10.15 -5.71 12.83
CA ASN A 67 11.49 -6.13 13.20
C ASN A 67 12.54 -5.01 13.07
N GLU A 68 13.02 -4.51 14.22
CA GLU A 68 13.95 -3.39 14.22
C GLU A 68 15.26 -3.68 13.49
N GLU A 69 15.73 -4.93 13.56
CA GLU A 69 16.94 -5.33 12.87
C GLU A 69 16.76 -5.27 11.36
N HIS A 70 15.62 -5.76 10.89
CA HIS A 70 15.33 -5.68 9.47
C HIS A 70 15.33 -4.25 8.99
N LEU A 71 14.72 -3.36 9.75
CA LEU A 71 14.67 -1.95 9.35
C LEU A 71 16.05 -1.28 9.40
N ALA A 72 16.85 -1.64 10.39
CA ALA A 72 18.17 -1.07 10.56
C ALA A 72 19.13 -1.46 9.43
N SER A 73 18.95 -2.67 8.90
CA SER A 73 19.79 -3.17 7.82
C SER A 73 19.25 -2.88 6.42
N LEU A 74 17.99 -2.46 6.34
CA LEU A 74 17.31 -2.37 5.05
C LEU A 74 18.05 -1.52 4.00
N ALA A 75 18.45 -0.29 4.35
CA ALA A 75 19.10 0.59 3.37
C ALA A 75 20.40 -0.04 2.81
N GLY A 76 21.15 -0.70 3.66
CA GLY A 76 22.39 -1.36 3.23
C GLY A 76 22.11 -2.53 2.30
N ARG A 77 21.06 -3.29 2.61
CA ARG A 77 20.66 -4.41 1.76
C ARG A 77 20.11 -3.95 0.42
N VAL A 78 19.38 -2.82 0.41
CA VAL A 78 18.93 -2.24 -0.86
C VAL A 78 20.11 -1.73 -1.68
N THR A 79 21.04 -1.07 -1.03
CA THR A 79 22.18 -0.49 -1.74
C THR A 79 23.03 -1.61 -2.35
N GLU A 80 23.12 -2.72 -1.63
CA GLU A 80 23.79 -3.91 -2.13
C GLU A 80 23.08 -4.42 -3.38
N ALA A 81 21.75 -4.46 -3.36
CA ALA A 81 20.98 -4.97 -4.49
C ALA A 81 20.99 -4.05 -5.71
N ILE A 82 21.03 -2.74 -5.52
CA ILE A 82 20.99 -1.84 -6.67
C ILE A 82 22.37 -1.29 -7.02
N GLY A 83 23.35 -1.58 -6.18
CA GLY A 83 24.73 -1.20 -6.46
C GLY A 83 25.14 0.10 -5.79
N ALA A 84 26.32 0.07 -5.17
CA ALA A 84 26.86 1.24 -4.51
C ALA A 84 26.86 2.44 -5.43
N GLY A 85 26.58 3.61 -4.88
CA GLY A 85 26.53 4.83 -5.67
C GLY A 85 25.18 5.06 -6.34
N ASN A 86 24.30 4.07 -6.29
CA ASN A 86 22.94 4.23 -6.80
C ASN A 86 21.98 4.43 -5.64
N LYS A 87 20.95 5.21 -5.87
CA LYS A 87 19.93 5.44 -4.86
C LYS A 87 18.58 5.14 -5.46
N LEU A 88 17.58 5.05 -4.58
CA LEU A 88 16.18 4.88 -4.99
C LEU A 88 15.51 6.16 -5.43
N ASP A 89 14.64 6.04 -6.41
CA ASP A 89 13.78 7.13 -6.82
C ASP A 89 12.35 6.97 -6.26
N GLY A 90 12.02 5.77 -5.81
CA GLY A 90 10.66 5.50 -5.39
C GLY A 90 10.55 4.41 -4.35
N VAL A 91 9.53 4.51 -3.51
CA VAL A 91 9.24 3.54 -2.46
C VAL A 91 7.74 3.37 -2.40
N VAL A 92 7.29 2.13 -2.52
CA VAL A 92 5.88 1.80 -2.40
C VAL A 92 5.66 0.98 -1.12
N HIS A 93 4.84 1.53 -0.25
CA HIS A 93 4.32 0.86 0.95
C HIS A 93 2.96 0.32 0.63
N SER A 94 2.83 -1.02 0.59
CA SER A 94 1.53 -1.65 0.30
C SER A 94 1.34 -2.74 1.34
N ILE A 95 1.33 -2.30 2.59
CA ILE A 95 1.39 -3.18 3.75
C ILE A 95 0.25 -2.85 4.67
N GLY A 96 -0.51 -3.85 5.07
CA GLY A 96 -1.60 -3.67 6.01
C GLY A 96 -1.88 -4.97 6.73
N PHE A 97 -2.34 -4.85 7.96
CA PHE A 97 -2.72 -6.00 8.76
C PHE A 97 -3.56 -5.57 9.93
N MET A 98 -4.59 -6.34 10.25
CA MET A 98 -5.29 -6.17 11.50
C MET A 98 -5.76 -7.56 11.94
N PRO A 99 -5.51 -7.92 13.21
CA PRO A 99 -6.02 -9.21 13.71
C PRO A 99 -7.51 -9.33 13.58
N GLN A 100 -8.00 -10.55 13.53
CA GLN A 100 -9.41 -10.76 13.22
C GLN A 100 -10.30 -10.19 14.31
N THR A 101 -9.77 -9.97 15.52
CA THR A 101 -10.56 -9.33 16.55
C THR A 101 -10.87 -7.86 16.24
N GLY A 102 -10.12 -7.27 15.31
CA GLY A 102 -10.25 -5.84 15.02
C GLY A 102 -11.01 -5.51 13.75
N MET A 103 -11.46 -6.56 13.06
CA MET A 103 -12.20 -6.47 11.81
C MET A 103 -13.25 -7.57 11.76
N GLY A 104 -14.27 -7.37 10.93
CA GLY A 104 -15.27 -8.42 10.72
C GLY A 104 -16.44 -8.29 11.68
N ILE A 105 -17.01 -9.41 12.12
CA ILE A 105 -18.21 -9.38 12.92
C ILE A 105 -17.89 -9.29 14.41
N ASN A 106 -16.64 -9.51 14.79
CA ASN A 106 -16.29 -9.34 16.20
C ASN A 106 -16.64 -7.90 16.63
N PRO A 107 -17.37 -7.74 17.75
CA PRO A 107 -17.77 -6.37 18.07
C PRO A 107 -16.58 -5.42 18.24
N PHE A 108 -16.80 -4.18 17.79
CA PHE A 108 -15.81 -3.12 17.86
C PHE A 108 -15.17 -3.02 19.24
N PHE A 109 -16.00 -3.06 20.28
CA PHE A 109 -15.51 -2.92 21.64
C PHE A 109 -14.75 -4.13 22.17
N ASP A 110 -14.80 -5.26 21.47
CA ASP A 110 -14.15 -6.47 21.96
C ASP A 110 -12.74 -6.70 21.42
N ALA A 111 -12.23 -5.78 20.61
CA ALA A 111 -10.85 -5.91 20.14
C ALA A 111 -9.89 -5.51 21.26
N PRO A 112 -9.03 -6.43 21.75
CA PRO A 112 -8.06 -6.05 22.79
C PRO A 112 -7.06 -5.07 22.26
N TYR A 113 -6.54 -4.17 23.10
CA TYR A 113 -5.63 -3.18 22.56
C TYR A 113 -4.34 -3.80 21.99
N ALA A 114 -3.88 -4.93 22.53
CA ALA A 114 -2.67 -5.56 21.97
C ALA A 114 -2.86 -5.86 20.48
N ASP A 115 -4.07 -6.27 20.13
CA ASP A 115 -4.37 -6.61 18.75
C ASP A 115 -4.42 -5.33 17.92
N VAL A 116 -5.07 -4.31 18.45
CA VAL A 116 -5.23 -3.03 17.75
C VAL A 116 -3.85 -2.43 17.54
N SER A 117 -3.02 -2.43 18.59
CA SER A 117 -1.68 -1.91 18.51
C SER A 117 -0.84 -2.60 17.44
N LYS A 118 -0.99 -3.90 17.32
CA LYS A 118 -0.24 -4.64 16.29
C LYS A 118 -0.67 -4.18 14.90
N GLY A 119 -1.97 -4.00 14.71
CA GLY A 119 -2.52 -3.54 13.44
C GLY A 119 -2.06 -2.14 13.09
N ILE A 120 -2.02 -1.26 14.08
CA ILE A 120 -1.58 0.09 13.85
C ILE A 120 -0.06 0.11 13.60
N HIS A 121 0.69 -0.75 14.27
CA HIS A 121 2.12 -0.84 14.05
C HIS A 121 2.41 -1.14 12.57
N ILE A 122 1.78 -2.20 12.06
CA ILE A 122 2.04 -2.66 10.72
C ILE A 122 1.41 -1.76 9.67
N SER A 123 0.20 -1.28 9.96
CA SER A 123 -0.56 -0.56 8.94
C SER A 123 -0.28 0.96 8.88
N ALA A 124 0.18 1.57 9.98
CA ALA A 124 0.40 3.02 10.04
C ALA A 124 1.81 3.43 10.45
N TYR A 125 2.28 2.94 11.59
CA TYR A 125 3.59 3.38 12.08
C TYR A 125 4.64 2.96 11.06
N SER A 126 4.44 1.81 10.43
CA SER A 126 5.49 1.29 9.54
C SER A 126 5.71 2.19 8.31
N TYR A 127 4.74 3.02 7.95
CA TYR A 127 4.97 3.98 6.87
C TYR A 127 6.10 4.95 7.26
N ALA A 128 6.10 5.39 8.51
CA ALA A 128 7.18 6.24 9.05
C ALA A 128 8.47 5.44 9.15
N SER A 129 8.38 4.18 9.60
CA SER A 129 9.56 3.32 9.77
C SER A 129 10.28 3.14 8.47
N MET A 130 9.50 2.93 7.41
CA MET A 130 10.10 2.68 6.11
C MET A 130 10.71 3.93 5.53
N ALA A 131 10.04 5.07 5.72
CA ALA A 131 10.58 6.35 5.27
C ALA A 131 11.87 6.68 6.02
N LYS A 132 11.89 6.39 7.32
CA LYS A 132 13.11 6.62 8.11
C LYS A 132 14.27 5.82 7.56
N ALA A 133 14.00 4.58 7.22
CA ALA A 133 15.06 3.69 6.73
C ALA A 133 15.55 4.07 5.35
N LEU A 134 14.64 4.55 4.49
CA LEU A 134 14.98 4.68 3.08
C LEU A 134 15.26 6.07 2.56
N LEU A 135 14.78 7.13 3.24
CA LEU A 135 15.06 8.50 2.80
C LEU A 135 16.58 8.79 2.65
N PRO A 136 17.42 8.23 3.54
CA PRO A 136 18.87 8.39 3.36
C PRO A 136 19.44 7.80 2.08
N ILE A 137 18.73 6.89 1.43
CA ILE A 137 19.15 6.40 0.13
C ILE A 137 18.13 6.71 -0.97
N MET A 138 17.42 7.84 -0.85
CA MET A 138 16.58 8.32 -1.95
C MET A 138 17.13 9.58 -2.61
N ASN A 139 16.96 9.64 -3.92
CA ASN A 139 17.31 10.81 -4.73
C ASN A 139 16.30 11.93 -4.63
N PRO A 140 16.77 13.18 -4.72
CA PRO A 140 15.86 14.31 -4.92
C PRO A 140 14.93 14.10 -6.09
N GLY A 141 13.69 14.54 -5.95
CA GLY A 141 12.66 14.27 -6.94
C GLY A 141 11.96 12.94 -6.72
N GLY A 142 12.37 12.22 -5.70
CA GLY A 142 11.82 10.91 -5.40
C GLY A 142 10.42 10.95 -4.81
N SER A 143 9.87 9.78 -4.58
CA SER A 143 8.45 9.66 -4.28
C SER A 143 8.21 8.43 -3.40
N ILE A 144 7.55 8.64 -2.27
CA ILE A 144 7.09 7.59 -1.37
C ILE A 144 5.56 7.53 -1.50
N VAL A 145 5.06 6.34 -1.79
CA VAL A 145 3.59 6.13 -1.96
C VAL A 145 3.15 5.04 -1.04
N GLY A 146 2.05 5.28 -0.30
CA GLY A 146 1.39 4.25 0.51
C GLY A 146 -0.03 4.02 0.07
N MET A 147 -0.55 2.84 0.42
CA MET A 147 -1.95 2.50 0.09
C MET A 147 -2.93 2.79 1.23
N ASP A 148 -4.06 3.38 0.87
CA ASP A 148 -5.08 3.86 1.82
C ASP A 148 -6.46 3.35 1.42
N PHE A 149 -7.34 3.24 2.39
CA PHE A 149 -8.78 2.97 2.11
C PHE A 149 -9.53 4.02 2.88
N ASP A 150 -10.22 4.88 2.16
CA ASP A 150 -10.75 6.12 2.73
C ASP A 150 -11.48 5.91 4.09
N PRO A 151 -10.89 6.42 5.18
CA PRO A 151 -11.45 6.19 6.51
C PRO A 151 -12.20 7.41 7.09
N SER A 152 -12.49 8.40 6.27
CA SER A 152 -13.16 9.65 6.69
CA SER A 152 -13.11 9.64 6.76
C SER A 152 -14.51 9.42 7.34
N ARG A 153 -15.15 8.31 6.96
CA ARG A 153 -16.44 7.89 7.53
CA ARG A 153 -16.44 7.91 7.53
C ARG A 153 -16.34 6.47 8.05
N ALA A 154 -17.11 6.16 9.08
CA ALA A 154 -17.17 4.79 9.59
C ALA A 154 -17.98 3.93 8.65
N MET A 155 -17.81 2.63 8.79
CA MET A 155 -18.53 1.70 7.97
C MET A 155 -18.58 0.37 8.69
N PRO A 156 -19.49 -0.50 8.28
CA PRO A 156 -19.57 -1.82 8.91
C PRO A 156 -18.29 -2.64 8.76
N ALA A 157 -17.97 -3.36 9.82
CA ALA A 157 -16.95 -4.40 9.87
C ALA A 157 -15.48 -3.97 9.77
N TYR A 158 -15.16 -2.93 9.00
CA TYR A 158 -13.77 -2.51 8.79
C TYR A 158 -13.13 -2.07 10.12
N ASN A 159 -13.99 -1.54 10.99
CA ASN A 159 -13.69 -1.36 12.40
C ASN A 159 -12.32 -0.76 12.68
N TRP A 160 -11.44 -1.50 13.36
CA TRP A 160 -10.16 -0.89 13.78
C TRP A 160 -9.18 -0.72 12.61
N MET A 161 -9.38 -1.42 11.51
CA MET A 161 -8.57 -1.12 10.34
C MET A 161 -8.85 0.33 9.82
N THR A 162 -10.10 0.79 9.95
CA THR A 162 -10.48 2.19 9.63
C THR A 162 -9.64 3.12 10.47
N VAL A 163 -9.54 2.80 11.76
CA VAL A 163 -8.78 3.64 12.69
C VAL A 163 -7.29 3.67 12.30
N ALA A 164 -6.75 2.50 11.96
CA ALA A 164 -5.37 2.39 11.47
C ALA A 164 -5.17 3.24 10.22
N LYS A 165 -6.14 3.24 9.30
CA LYS A 165 -5.98 4.07 8.10
C LYS A 165 -6.07 5.56 8.42
N SER A 166 -6.93 5.94 9.36
CA SER A 166 -6.97 7.33 9.79
C SER A 166 -5.62 7.74 10.35
N ALA A 167 -5.00 6.87 11.14
CA ALA A 167 -3.66 7.13 11.67
C ALA A 167 -2.65 7.24 10.51
N LEU A 168 -2.73 6.34 9.54
CA LEU A 168 -1.81 6.41 8.41
C LEU A 168 -1.87 7.74 7.67
N GLU A 169 -3.07 8.27 7.51
CA GLU A 169 -3.22 9.50 6.76
C GLU A 169 -2.49 10.61 7.51
N SER A 170 -2.60 10.57 8.82
CA SER A 170 -1.95 11.56 9.65
C SER A 170 -0.41 11.40 9.59
N VAL A 171 0.08 10.17 9.72
CA VAL A 171 1.49 9.85 9.56
C VAL A 171 2.04 10.35 8.22
N ASN A 172 1.30 10.12 7.15
CA ASN A 172 1.75 10.56 5.83
C ASN A 172 2.01 12.07 5.77
N ARG A 173 1.17 12.86 6.44
CA ARG A 173 1.42 14.31 6.47
C ARG A 173 2.72 14.71 7.18
N PHE A 174 3.08 13.94 8.20
CA PHE A 174 4.36 14.17 8.91
C PHE A 174 5.50 13.57 8.13
N VAL A 175 5.27 12.44 7.45
CA VAL A 175 6.37 11.92 6.64
C VAL A 175 6.69 12.91 5.51
N ALA A 176 5.68 13.61 4.99
CA ALA A 176 5.97 14.62 3.96
C ALA A 176 6.91 15.72 4.45
N ARG A 177 6.77 16.07 5.72
CA ARG A 177 7.61 17.13 6.29
C ARG A 177 9.07 16.66 6.29
N GLU A 178 9.31 15.42 6.70
CA GLU A 178 10.68 14.87 6.71
C GLU A 178 11.21 14.67 5.29
N ALA A 179 10.40 14.07 4.42
CA ALA A 179 10.80 13.70 3.07
C ALA A 179 11.17 14.94 2.27
N GLY A 180 10.48 16.03 2.55
CA GLY A 180 10.69 17.31 1.86
C GLY A 180 12.13 17.83 1.96
N LYS A 181 12.74 17.55 3.10
CA LYS A 181 14.14 17.87 3.34
C LYS A 181 15.11 17.21 2.35
N TYR A 182 14.68 16.09 1.80
CA TYR A 182 15.40 15.31 0.79
C TYR A 182 14.95 15.57 -0.65
N GLY A 183 13.99 16.48 -0.82
CA GLY A 183 13.39 16.70 -2.13
C GLY A 183 12.47 15.56 -2.55
N VAL A 184 11.92 14.85 -1.57
CA VAL A 184 11.12 13.65 -1.81
C VAL A 184 9.68 13.93 -1.41
N ARG A 185 8.75 13.47 -2.23
CA ARG A 185 7.32 13.56 -1.96
C ARG A 185 6.80 12.34 -1.20
N SER A 186 5.75 12.53 -0.42
CA SER A 186 5.07 11.43 0.26
C SER A 186 3.58 11.57 0.05
N ASN A 187 2.94 10.51 -0.43
CA ASN A 187 1.50 10.56 -0.70
C ASN A 187 0.87 9.20 -0.53
N LEU A 188 -0.44 9.20 -0.36
CA LEU A 188 -1.22 7.97 -0.35
C LEU A 188 -2.14 7.88 -1.54
N VAL A 189 -2.37 6.65 -1.98
CA VAL A 189 -3.45 6.36 -2.94
C VAL A 189 -4.57 5.66 -2.20
N ALA A 190 -5.73 6.33 -2.17
CA ALA A 190 -6.94 5.75 -1.56
C ALA A 190 -7.64 5.00 -2.67
N ALA A 191 -7.61 3.68 -2.57
CA ALA A 191 -8.13 2.83 -3.63
C ALA A 191 -9.54 2.42 -3.31
N GLY A 192 -10.35 2.16 -4.35
CA GLY A 192 -11.62 1.46 -4.14
C GLY A 192 -11.34 0.01 -3.75
N PRO A 193 -12.41 -0.72 -3.40
CA PRO A 193 -12.26 -2.11 -2.97
C PRO A 193 -11.72 -3.00 -4.08
N ILE A 194 -10.71 -3.78 -3.75
CA ILE A 194 -10.09 -4.71 -4.70
C ILE A 194 -10.21 -6.12 -4.19
N ARG A 195 -10.71 -7.00 -5.05
CA ARG A 195 -11.06 -8.34 -4.62
C ARG A 195 -9.77 -9.17 -4.65
N THR A 196 -8.96 -8.99 -3.61
CA THR A 196 -7.80 -9.80 -3.37
C THR A 196 -8.22 -11.14 -2.82
N LEU A 197 -7.25 -12.03 -2.59
CA LEU A 197 -7.59 -13.38 -2.10
C LEU A 197 -8.37 -13.29 -0.79
N ALA A 198 -7.81 -12.53 0.13
CA ALA A 198 -8.40 -12.31 1.44
C ALA A 198 -9.82 -11.73 1.38
N MET A 199 -10.02 -10.75 0.49
CA MET A 199 -11.36 -10.15 0.37
C MET A 199 -12.37 -11.14 -0.12
N SER A 200 -11.97 -11.99 -1.05
CA SER A 200 -12.89 -13.02 -1.48
C SER A 200 -13.15 -13.96 -0.31
N ALA A 201 -12.14 -14.16 0.53
CA ALA A 201 -12.28 -15.03 1.70
C ALA A 201 -13.29 -14.40 2.67
N ILE A 202 -13.15 -13.10 2.89
CA ILE A 202 -14.11 -12.37 3.76
C ILE A 202 -15.51 -12.39 3.15
N VAL A 203 -15.65 -12.11 1.86
CA VAL A 203 -16.94 -12.25 1.20
C VAL A 203 -17.52 -13.65 1.35
N GLY A 204 -16.66 -14.67 1.35
CA GLY A 204 -17.08 -16.03 1.57
C GLY A 204 -17.36 -16.39 3.03
N GLY A 205 -17.13 -15.43 3.93
CA GLY A 205 -17.53 -15.59 5.32
C GLY A 205 -16.40 -15.83 6.32
N ALA A 206 -15.16 -15.63 5.90
CA ALA A 206 -14.02 -15.92 6.76
C ALA A 206 -14.02 -15.13 8.08
N LEU A 207 -14.59 -13.93 8.07
CA LEU A 207 -14.70 -13.11 9.29
C LEU A 207 -16.14 -12.97 9.74
N GLY A 208 -16.98 -13.95 9.41
CA GLY A 208 -18.39 -13.90 9.77
C GLY A 208 -19.30 -13.55 8.60
N GLU A 209 -20.51 -14.09 8.64
CA GLU A 209 -21.46 -13.92 7.55
C GLU A 209 -21.86 -12.47 7.33
N GLU A 210 -22.10 -11.75 8.41
CA GLU A 210 -22.59 -10.38 8.28
C GLU A 210 -21.51 -9.50 7.66
N ALA A 211 -20.25 -9.76 7.98
CA ALA A 211 -19.17 -8.98 7.41
C ALA A 211 -19.09 -9.23 5.91
N GLY A 212 -19.23 -10.48 5.52
CA GLY A 212 -19.20 -10.81 4.11
C GLY A 212 -20.32 -10.12 3.36
N ALA A 213 -21.50 -10.11 3.96
CA ALA A 213 -22.67 -9.48 3.34
C ALA A 213 -22.45 -7.97 3.20
N GLN A 214 -21.84 -7.39 4.23
CA GLN A 214 -21.57 -5.96 4.23
C GLN A 214 -20.58 -5.56 3.15
N ILE A 215 -19.54 -6.36 2.96
CA ILE A 215 -18.59 -6.06 1.89
C ILE A 215 -19.23 -6.16 0.50
N GLN A 216 -20.07 -7.15 0.28
CA GLN A 216 -20.74 -7.25 -1.01
C GLN A 216 -21.58 -5.99 -1.22
N LEU A 217 -22.28 -5.53 -0.18
CA LEU A 217 -23.05 -4.31 -0.30
C LEU A 217 -22.20 -3.09 -0.61
N LEU A 218 -21.07 -3.00 0.08
CA LEU A 218 -20.09 -1.93 -0.13
C LEU A 218 -19.61 -1.92 -1.58
N GLU A 219 -19.22 -3.09 -2.06
CA GLU A 219 -18.75 -3.23 -3.45
C GLU A 219 -19.80 -2.81 -4.48
N GLU A 220 -21.05 -3.21 -4.27
CA GLU A 220 -22.10 -2.89 -5.21
C GLU A 220 -22.36 -1.38 -5.22
N GLY A 221 -22.40 -0.80 -4.02
CA GLY A 221 -22.66 0.63 -3.85
C GLY A 221 -21.55 1.44 -4.46
N TRP A 222 -20.32 0.93 -4.34
CA TRP A 222 -19.15 1.62 -4.86
C TRP A 222 -19.22 1.83 -6.39
N ASP A 223 -19.50 0.75 -7.10
CA ASP A 223 -19.65 0.81 -8.54
C ASP A 223 -20.82 1.68 -8.97
N GLN A 224 -21.90 1.64 -8.19
CA GLN A 224 -23.06 2.48 -8.45
C GLN A 224 -22.73 3.97 -8.34
N ARG A 225 -22.09 4.36 -7.23
CA ARG A 225 -21.70 5.74 -6.99
C ARG A 225 -20.64 6.27 -7.93
N ALA A 226 -19.68 5.42 -8.26
CA ALA A 226 -18.57 5.84 -9.10
C ALA A 226 -19.04 6.36 -10.47
N PRO A 227 -18.72 7.62 -10.82
CA PRO A 227 -19.30 8.05 -12.10
C PRO A 227 -18.75 7.34 -13.35
N ILE A 228 -17.56 6.77 -13.22
CA ILE A 228 -16.98 5.99 -14.30
C ILE A 228 -16.96 4.50 -13.94
N GLY A 229 -17.73 4.15 -12.92
CA GLY A 229 -17.81 2.77 -12.47
C GLY A 229 -16.55 2.33 -11.71
N TRP A 230 -16.64 1.13 -11.17
CA TRP A 230 -15.57 0.51 -10.40
C TRP A 230 -15.60 -0.99 -10.56
N ASN A 231 -14.48 -1.54 -11.01
CA ASN A 231 -14.31 -2.98 -11.19
C ASN A 231 -13.36 -3.49 -10.11
N MET A 232 -13.94 -4.11 -9.09
CA MET A 232 -13.19 -4.66 -7.97
C MET A 232 -12.25 -5.77 -8.37
N LYS A 233 -12.44 -6.35 -9.55
CA LYS A 233 -11.55 -7.43 -9.97
C LYS A 233 -10.27 -6.92 -10.65
N ASP A 234 -10.24 -5.64 -10.98
CA ASP A 234 -9.13 -5.03 -11.73
C ASP A 234 -8.29 -4.03 -10.92
N ALA A 235 -7.10 -4.42 -10.49
CA ALA A 235 -6.24 -3.53 -9.74
C ALA A 235 -5.44 -2.57 -10.63
N THR A 236 -5.47 -2.77 -11.95
CA THR A 236 -4.60 -2.02 -12.84
C THR A 236 -4.80 -0.48 -12.74
N PRO A 237 -6.06 0.01 -12.64
CA PRO A 237 -6.23 1.48 -12.49
C PRO A 237 -5.57 1.99 -11.21
N VAL A 238 -5.55 1.19 -10.16
CA VAL A 238 -4.87 1.56 -8.93
C VAL A 238 -3.37 1.58 -9.14
N ALA A 239 -2.82 0.52 -9.72
CA ALA A 239 -1.41 0.46 -10.03
C ALA A 239 -0.95 1.61 -10.92
N LYS A 240 -1.74 1.96 -11.93
CA LYS A 240 -1.42 3.10 -12.78
C LYS A 240 -1.29 4.40 -11.97
N THR A 241 -2.23 4.62 -11.06
CA THR A 241 -2.23 5.79 -10.21
C THR A 241 -0.98 5.84 -9.34
N VAL A 242 -0.61 4.72 -8.71
CA VAL A 242 0.63 4.68 -7.95
C VAL A 242 1.83 5.04 -8.87
N CYS A 243 1.88 4.49 -10.07
CA CYS A 243 2.95 4.88 -10.99
C CYS A 243 2.94 6.39 -11.36
N ALA A 244 1.75 6.98 -11.50
CA ALA A 244 1.64 8.43 -11.72
C ALA A 244 2.35 9.20 -10.60
N LEU A 245 2.13 8.81 -9.34
CA LEU A 245 2.77 9.47 -8.21
C LEU A 245 4.26 9.19 -8.12
N LEU A 246 4.68 8.02 -8.61
CA LEU A 246 6.11 7.67 -8.66
C LEU A 246 6.84 8.42 -9.77
N SER A 247 6.09 8.96 -10.72
CA SER A 247 6.67 9.62 -11.87
C SER A 247 7.01 11.07 -11.54
N ASP A 248 7.49 11.76 -12.57
CA ASP A 248 7.79 13.17 -12.49
C ASP A 248 6.58 14.08 -12.70
N TRP A 249 5.39 13.52 -12.90
CA TRP A 249 4.27 14.30 -13.38
C TRP A 249 3.29 14.83 -12.33
N LEU A 250 3.63 14.61 -11.06
CA LEU A 250 2.88 15.18 -9.94
C LEU A 250 3.91 15.76 -8.99
N PRO A 251 4.74 16.71 -9.49
CA PRO A 251 5.88 17.23 -8.73
C PRO A 251 5.56 18.15 -7.58
N ALA A 252 4.33 18.65 -7.48
CA ALA A 252 3.96 19.62 -6.46
C ALA A 252 2.87 19.08 -5.51
N THR A 253 2.80 17.77 -5.40
CA THR A 253 1.81 17.08 -4.56
C THR A 253 2.55 16.29 -3.50
N THR A 254 2.35 16.66 -2.23
CA THR A 254 2.91 15.90 -1.13
C THR A 254 2.09 16.08 0.13
N GLY A 255 2.17 15.04 0.97
CA GLY A 255 1.40 14.94 2.18
C GLY A 255 -0.05 14.68 1.92
N ASP A 256 -0.35 14.16 0.74
CA ASP A 256 -1.69 14.26 0.20
C ASP A 256 -2.21 12.86 -0.08
N ILE A 257 -3.44 12.82 -0.57
CA ILE A 257 -4.17 11.59 -0.84
C ILE A 257 -4.80 11.71 -2.22
N ILE A 258 -4.44 10.79 -3.11
CA ILE A 258 -5.03 10.70 -4.44
C ILE A 258 -6.03 9.54 -4.43
N TYR A 259 -7.26 9.77 -4.89
CA TYR A 259 -8.33 8.76 -4.84
C TYR A 259 -8.45 8.02 -6.16
N ALA A 260 -8.00 6.77 -6.18
CA ALA A 260 -8.16 5.86 -7.33
C ALA A 260 -9.34 4.92 -7.01
N ASP A 261 -10.53 5.51 -7.02
CA ASP A 261 -11.75 4.84 -6.55
C ASP A 261 -12.96 4.99 -7.46
N GLY A 262 -12.72 5.39 -8.71
CA GLY A 262 -13.78 5.62 -9.66
C GLY A 262 -14.57 6.88 -9.44
N GLY A 263 -14.10 7.70 -8.51
CA GLY A 263 -14.85 8.89 -8.13
C GLY A 263 -15.93 8.62 -7.11
N ALA A 264 -15.99 7.41 -6.57
CA ALA A 264 -17.07 7.11 -5.63
C ALA A 264 -17.13 8.03 -4.41
N HIS A 265 -15.98 8.41 -3.87
CA HIS A 265 -16.03 9.22 -2.66
C HIS A 265 -16.58 10.63 -2.90
N THR A 266 -16.75 11.02 -4.16
CA THR A 266 -17.25 12.35 -4.47
C THR A 266 -18.77 12.39 -4.62
N GLN A 267 -19.39 11.23 -4.47
CA GLN A 267 -20.81 11.07 -4.75
C GLN A 267 -21.54 10.49 -3.53
N LEU A 268 -22.69 11.04 -3.15
CA LEU A 268 -23.43 10.48 -2.00
C LEU A 268 -24.16 9.23 -2.39
N LEU A 269 -24.85 9.35 -3.51
CA LEU A 269 -25.64 8.28 -4.14
C LEU A 269 -25.52 8.46 -5.64
PA NAD B . -2.29 -8.15 0.58
O1A NAD B . -2.03 -8.71 -0.77
O2A NAD B . -2.64 -9.15 1.66
O5B NAD B . -1.13 -7.14 1.03
C5B NAD B . -0.88 -6.82 2.41
C4B NAD B . 0.61 -7.04 2.60
O4B NAD B . 1.00 -6.67 3.93
C3B NAD B . 1.08 -8.49 2.40
O3B NAD B . 2.11 -8.55 1.42
C2B NAD B . 1.64 -8.87 3.76
O2B NAD B . 2.72 -9.79 3.70
C1B NAD B . 2.09 -7.51 4.24
N9A NAD B . 2.43 -7.46 5.65
C8A NAD B . 1.70 -7.88 6.73
N7A NAD B . 2.35 -7.84 7.87
C5A NAD B . 3.59 -7.36 7.52
C6A NAD B . 4.78 -7.14 8.27
N6A NAD B . 4.90 -7.41 9.56
N1A NAD B . 5.85 -6.67 7.61
C2A NAD B . 5.77 -6.46 6.29
N3A NAD B . 4.71 -6.65 5.48
C4A NAD B . 3.66 -7.10 6.16
O3 NAD B . -3.53 -7.13 0.50
PN NAD B . -3.83 -5.84 -0.40
O1N NAD B . -2.99 -5.83 -1.60
O2N NAD B . -5.31 -5.77 -0.51
O5D NAD B . -3.33 -4.65 0.55
C5D NAD B . -2.18 -3.86 0.22
C4D NAD B . -2.41 -2.49 0.79
O4D NAD B . -3.53 -1.86 0.10
C3D NAD B . -2.77 -2.42 2.28
O3D NAD B . -2.26 -1.21 2.82
C2D NAD B . -4.30 -2.37 2.25
O2D NAD B . -4.79 -1.77 3.44
C1D NAD B . -4.48 -1.43 1.05
N1N NAD B . -5.84 -1.34 0.40
C2N NAD B . -6.49 -2.48 0.06
C3N NAD B . -7.75 -2.42 -0.51
C7N NAD B . -8.49 -3.62 -0.98
O7N NAD B . -9.73 -3.54 -1.15
N7N NAD B . -7.82 -4.78 -1.09
C4N NAD B . -8.33 -1.18 -0.73
C5N NAD B . -7.63 -0.02 -0.42
C6N NAD B . -6.39 -0.12 0.15
HOA2 NAD B . -3.42 -9.09 2.25
H51A NAD B . -1.45 -7.53 3.01
H52A NAD B . -1.22 -5.82 2.66
H4B NAD B . 1.16 -6.33 1.98
H3B NAD B . 0.27 -9.13 2.02
HO3A NAD B . 1.69 -8.71 0.54
H2B NAD B . 0.81 -9.26 4.36
HO2A NAD B . 2.38 -10.62 4.13
H1B NAD B . 2.97 -7.17 3.69
H8A NAD B . 0.66 -8.22 6.66
H61A NAD B . 4.11 -7.81 10.07
H62A NAD B . 5.76 -7.23 10.06
H2A NAD B . 6.67 -6.08 5.82
H51N NAD B . -2.03 -3.82 -0.86
H52N NAD B . -1.32 -4.35 0.69
H4D NAD B . -1.58 -1.82 0.56
H3D NAD B . -2.41 -3.27 2.85
HO3N NAD B . -2.02 -1.40 3.77
H2D NAD B . -4.79 -3.33 2.16
HO2N NAD B . -5.75 -1.52 3.34
H1D NAD B . -4.24 -0.40 1.31
H2N NAD B . -6.00 -3.43 0.25
H71N NAD B . -6.83 -4.80 -0.85
H72N NAD B . -8.23 -5.65 -1.40
H5N NAD B . -8.04 0.97 -0.60
H6N NAD B . -5.81 0.76 0.41
C1 665 C . -5.69 -6.12 6.27
C2 665 C . -6.86 -5.55 5.48
C3 665 C . -6.39 -5.00 4.15
C4 665 C . -5.66 -6.04 3.32
C5 665 C . -4.47 -6.59 4.11
C6 665 C . -4.90 -7.14 5.47
C7 665 C . -7.90 -3.17 3.45
C8 665 C . -9.07 -2.97 2.61
C9 665 C . -9.64 -4.37 2.33
C10 665 C . -8.40 -5.23 2.53
N11 665 C . -7.51 -4.46 3.41
C12 665 C . -10.69 -4.69 3.31
N13 665 C . -11.98 -4.13 3.10
O14 665 C . -10.46 -5.39 4.28
O15 665 C . -7.34 -2.31 4.13
BR1 665 C . -14.20 -6.60 7.26
C17 665 C . -13.11 -5.21 5.02
C18 665 C . -14.17 -5.22 5.90
C19 665 C . -15.18 -4.29 5.76
C20 665 C . -15.13 -3.33 4.76
C21 665 C . -14.06 -3.29 3.89
C22 665 C . -13.05 -4.26 3.99
H8 665 C . -5.10 -5.38 6.53
H1 665 C . -6.03 -6.55 7.08
H2 665 C . -7.28 -4.82 6.00
H10 665 C . -7.52 -6.24 5.33
H3 665 C . -5.77 -4.26 4.33
H41 665 C . -6.27 -6.78 3.12
H42 665 C . -5.34 -5.64 2.49
H4 665 C . -3.81 -5.88 4.24
H5 665 C . -4.05 -7.32 3.59
H7 665 C . -5.45 -7.94 5.32
H6 665 C . -4.10 -7.40 5.97
H81 665 C . -8.97 -2.47 1.78
H82 665 C . -9.70 -2.40 3.11
H9 665 C . -10.12 -4.39 1.49
H101 665 C . -8.64 -6.08 2.95
H102 665 C . -7.96 -5.40 1.67
HN13 665 C . -12.08 -3.58 2.37
H17 665 C . -12.39 -5.85 5.10
H19 665 C . -15.94 -4.31 6.38
H20 665 C . -15.85 -2.66 4.68
H21 665 C . -14.01 -2.62 3.18
#